data_1TVZ
#
_entry.id   1TVZ
#
_cell.length_a   119.401
_cell.length_b   119.401
_cell.length_c   114.115
_cell.angle_alpha   90.00
_cell.angle_beta   90.00
_cell.angle_gamma   120.00
#
_symmetry.space_group_name_H-M   'P 64 2 2'
#
loop_
_entity.id
_entity.type
_entity.pdbx_description
1 polymer '3-hydroxy-3-methylglutaryl-CoA synthase'
2 non-polymer 'SULFATE ION'
3 water water
#
_entity_poly.entity_id   1
_entity_poly.type   'polypeptide(L)'
_entity_poly.pdbx_seq_one_letter_code
;MTIGIDKINFYVPKYYVDMAKLAEARQVDPNKFLIGIGQTEMAVSPVNQDIVSMGANAAKDIITDEDKKKIGMVIVATES
AVDAAKAAAVQIHNLLGIQPFARCFEMKEA(CSD)YAATPAIQLAKDYLATRPNEKVLVIATDTARYGLNSGGEPTQGAG
AVAMVIAHNPSILALNEDAVAYTEDVYDFWRPTGHKYPLVDGALSKDAYIRSFQQSWNEYAKRQGKSLADFASLCFHVPF
TKMGKKALESIIDNADETTQERLRSGYEDAVDYNRYVGNIYTGSLYLSLISLLENRDLQAGETIGLFSYGSGSVVEFYSA
TLVEGYKDHLDQAAHKALLNNRTEVSVDAYETFFKRFDDVEFDEEQDAVHEDRHIFYLSNIENNVREYHRPE
;
_entity_poly.pdbx_strand_id   A
#
# COMPACT_ATOMS: atom_id res chain seq x y z
N THR A 2 -12.02 15.85 -15.49
CA THR A 2 -11.67 14.64 -14.71
C THR A 2 -10.81 15.01 -13.53
N ILE A 3 -10.89 14.16 -12.51
CA ILE A 3 -10.06 14.28 -11.31
C ILE A 3 -9.57 12.87 -10.97
N GLY A 4 -8.31 12.74 -10.58
CA GLY A 4 -7.84 11.41 -10.22
C GLY A 4 -6.36 11.32 -9.92
N ILE A 5 -5.78 10.17 -10.20
CA ILE A 5 -4.40 9.90 -9.83
C ILE A 5 -3.54 10.47 -10.92
N ASP A 6 -2.78 11.50 -10.58
CA ASP A 6 -1.90 12.16 -11.54
C ASP A 6 -0.48 11.61 -11.50
N LYS A 7 -0.03 11.21 -10.32
CA LYS A 7 1.32 10.65 -10.10
C LYS A 7 1.19 9.62 -9.01
N ILE A 8 2.06 8.63 -9.03
CA ILE A 8 2.01 7.57 -8.03
C ILE A 8 3.40 6.94 -7.93
N ASN A 9 3.84 6.68 -6.70
CA ASN A 9 5.15 6.12 -6.48
C ASN A 9 5.10 5.29 -5.18
N PHE A 10 6.05 4.38 -5.01
CA PHE A 10 6.17 3.64 -3.75
C PHE A 10 7.57 3.63 -3.22
N TYR A 11 7.70 3.35 -1.91
CA TYR A 11 8.99 3.15 -1.28
C TYR A 11 8.92 1.90 -0.42
N VAL A 12 9.97 1.08 -0.46
CA VAL A 12 10.10 -0.04 0.48
C VAL A 12 11.52 0.05 1.07
N PRO A 13 11.75 -0.50 2.26
CA PRO A 13 13.10 -0.43 2.87
C PRO A 13 14.14 -1.24 2.06
N LYS A 14 15.40 -0.98 2.36
CA LYS A 14 16.51 -1.50 1.53
C LYS A 14 16.91 -2.94 1.81
N TYR A 15 16.20 -3.60 2.74
CA TYR A 15 16.47 -4.98 3.12
C TYR A 15 15.26 -5.89 2.83
N TYR A 16 15.53 -7.17 2.61
CA TYR A 16 14.48 -8.18 2.56
C TYR A 16 15.07 -9.49 3.07
N VAL A 17 14.19 -10.39 3.51
CA VAL A 17 14.57 -11.75 3.84
C VAL A 17 13.94 -12.67 2.80
N ASP A 18 14.71 -13.67 2.37
CA ASP A 18 14.24 -14.63 1.38
C ASP A 18 13.23 -15.58 2.05
N MET A 19 12.08 -15.78 1.41
CA MET A 19 11.00 -16.57 2.00
C MET A 19 11.32 -18.06 2.13
N ALA A 20 12.06 -18.62 1.16
CA ALA A 20 12.53 -20.01 1.26
C ALA A 20 13.43 -20.23 2.49
N LYS A 21 14.34 -19.29 2.76
CA LYS A 21 15.19 -19.38 3.96
C LYS A 21 14.40 -19.18 5.24
N LEU A 22 13.42 -18.27 5.23
CA LEU A 22 12.56 -18.11 6.40
C LEU A 22 11.84 -19.43 6.68
N ALA A 23 11.32 -20.06 5.64
CA ALA A 23 10.65 -21.35 5.79
C ALA A 23 11.58 -22.40 6.43
N GLU A 24 12.81 -22.47 5.94
CA GLU A 24 13.82 -23.39 6.48
C GLU A 24 14.02 -23.21 7.97
N ALA A 25 14.13 -21.95 8.41
CA ALA A 25 14.34 -21.59 9.82
C ALA A 25 13.11 -21.86 10.66
N ARG A 26 11.92 -21.76 10.04
CA ARG A 26 10.66 -22.05 10.73
C ARG A 26 10.26 -23.53 10.59
N GLN A 27 11.18 -24.34 10.05
CA GLN A 27 11.00 -25.79 9.93
C GLN A 27 9.73 -26.21 9.18
N VAL A 28 9.46 -25.54 8.06
CA VAL A 28 8.39 -25.92 7.14
C VAL A 28 8.97 -25.97 5.73
N ASP A 29 8.25 -26.66 4.84
CA ASP A 29 8.63 -26.77 3.43
C ASP A 29 8.69 -25.35 2.84
N PRO A 30 9.78 -24.99 2.13
CA PRO A 30 9.87 -23.68 1.47
C PRO A 30 8.66 -23.38 0.57
N ASN A 31 8.13 -24.43 -0.05
CA ASN A 31 6.99 -24.26 -0.94
C ASN A 31 5.72 -23.82 -0.21
N LYS A 32 5.65 -24.10 1.09
CA LYS A 32 4.55 -23.63 1.92
C LYS A 32 4.45 -22.10 1.87
N PHE A 33 5.60 -21.43 1.84
CA PHE A 33 5.66 -19.97 1.75
C PHE A 33 5.61 -19.53 0.30
N LEU A 34 6.42 -20.16 -0.54
CA LEU A 34 6.56 -19.77 -1.95
C LEU A 34 5.29 -20.01 -2.79
N ILE A 35 4.56 -21.07 -2.45
CA ILE A 35 3.38 -21.44 -3.24
C ILE A 35 2.12 -21.38 -2.40
N GLY A 36 2.15 -22.00 -1.22
CA GLY A 36 1.01 -22.04 -0.32
C GLY A 36 0.51 -20.63 0.05
N ILE A 37 1.44 -19.78 0.47
CA ILE A 37 1.16 -18.37 0.75
C ILE A 37 1.41 -17.50 -0.50
N GLY A 38 2.36 -17.92 -1.34
CA GLY A 38 2.68 -17.20 -2.57
C GLY A 38 3.48 -15.92 -2.34
N GLN A 39 4.45 -15.95 -1.42
CA GLN A 39 5.31 -14.79 -1.18
C GLN A 39 6.75 -15.24 -1.33
N THR A 40 7.59 -14.38 -1.92
CA THR A 40 8.93 -14.76 -2.33
C THR A 40 10.02 -14.06 -1.51
N GLU A 41 9.81 -12.76 -1.24
CA GLU A 41 10.72 -11.95 -0.45
C GLU A 41 9.91 -11.07 0.49
N MET A 42 10.32 -10.99 1.75
CA MET A 42 9.64 -10.13 2.72
C MET A 42 10.50 -8.91 3.04
N ALA A 43 9.93 -7.71 2.89
CA ALA A 43 10.54 -6.46 3.33
C ALA A 43 11.00 -6.56 4.78
N VAL A 44 12.16 -5.97 5.07
CA VAL A 44 12.71 -5.98 6.43
C VAL A 44 12.97 -4.53 6.83
N SER A 45 12.42 -4.11 7.97
CA SER A 45 12.49 -2.71 8.38
C SER A 45 13.74 -2.42 9.24
N PRO A 46 14.63 -1.54 8.79
CA PRO A 46 15.66 -1.01 9.69
C PRO A 46 14.99 0.03 10.58
N VAL A 47 15.53 0.28 11.76
CA VAL A 47 14.95 1.25 12.67
C VAL A 47 14.94 2.63 11.99
N ASN A 48 15.92 2.86 11.10
CA ASN A 48 16.00 4.18 10.48
C ASN A 48 14.92 4.42 9.42
N GLN A 49 14.08 3.42 9.16
CA GLN A 49 12.87 3.67 8.36
C GLN A 49 11.59 3.51 9.17
N ASP A 50 10.96 4.62 9.52
CA ASP A 50 9.63 4.58 10.15
C ASP A 50 8.55 5.00 9.14
N ILE A 51 7.30 5.08 9.58
CA ILE A 51 6.23 5.39 8.64
C ILE A 51 6.38 6.78 8.03
N VAL A 52 7.03 7.69 8.77
CA VAL A 52 7.21 9.08 8.34
C VAL A 52 8.25 9.17 7.22
N SER A 53 9.45 8.61 7.48
CA SER A 53 10.50 8.63 6.47
C SER A 53 10.09 7.80 5.25
N MET A 54 9.43 6.68 5.46
CA MET A 54 8.97 5.90 4.31
C MET A 54 7.99 6.72 3.46
N GLY A 55 7.01 7.37 4.10
CA GLY A 55 6.05 8.20 3.38
C GLY A 55 6.70 9.33 2.61
N ALA A 56 7.62 10.03 3.29
CA ALA A 56 8.36 11.12 2.67
C ALA A 56 9.16 10.66 1.44
N ASN A 57 9.83 9.49 1.55
CA ASN A 57 10.56 8.90 0.45
C ASN A 57 9.67 8.52 -0.73
N ALA A 58 8.46 8.02 -0.47
CA ALA A 58 7.57 7.63 -1.56
C ALA A 58 7.10 8.89 -2.32
N ALA A 59 6.92 10.00 -1.58
CA ALA A 59 6.36 11.22 -2.13
C ALA A 59 7.37 12.18 -2.79
N LYS A 60 8.60 12.16 -2.30
CA LYS A 60 9.57 13.21 -2.70
C LYS A 60 9.84 13.25 -4.20
N ASP A 61 9.75 12.10 -4.86
CA ASP A 61 10.10 12.01 -6.28
C ASP A 61 8.94 12.40 -7.21
N ILE A 62 7.74 12.57 -6.66
CA ILE A 62 6.59 12.87 -7.51
C ILE A 62 5.98 14.25 -7.32
N ILE A 63 6.68 15.13 -6.59
CA ILE A 63 6.20 16.49 -6.44
C ILE A 63 7.27 17.50 -6.81
N THR A 64 6.90 18.50 -7.59
CA THR A 64 7.86 19.55 -7.88
C THR A 64 7.73 20.67 -6.88
N ASP A 65 8.65 21.64 -6.97
CA ASP A 65 8.54 22.88 -6.20
C ASP A 65 7.22 23.60 -6.46
N GLU A 66 6.77 23.61 -7.71
CA GLU A 66 5.48 24.20 -8.06
C GLU A 66 4.29 23.45 -7.40
N ASP A 67 4.33 22.12 -7.43
CA ASP A 67 3.32 21.30 -6.74
C ASP A 67 3.23 21.66 -5.27
N LYS A 68 4.37 21.89 -4.65
CA LYS A 68 4.42 22.24 -3.23
C LYS A 68 3.60 23.50 -2.90
N LYS A 69 3.44 24.39 -3.88
CA LYS A 69 2.63 25.59 -3.71
C LYS A 69 1.13 25.33 -3.82
N LYS A 70 0.76 24.21 -4.45
CA LYS A 70 -0.63 23.92 -4.82
C LYS A 70 -1.30 22.85 -3.95
N ILE A 71 -0.52 22.11 -3.16
CA ILE A 71 -1.07 21.02 -2.33
C ILE A 71 -1.83 21.60 -1.15
N GLY A 72 -3.15 21.39 -1.15
CA GLY A 72 -4.03 21.94 -0.11
C GLY A 72 -4.32 21.00 1.08
N MET A 73 -4.09 19.70 0.90
CA MET A 73 -4.17 18.72 1.99
C MET A 73 -3.09 17.66 1.84
N VAL A 74 -2.57 17.19 2.96
CA VAL A 74 -1.68 16.04 2.98
C VAL A 74 -2.40 15.04 3.87
N ILE A 75 -2.78 13.90 3.31
CA ILE A 75 -3.51 12.91 4.13
C ILE A 75 -2.69 11.65 4.20
N VAL A 76 -2.42 11.22 5.42
CA VAL A 76 -1.76 9.94 5.66
C VAL A 76 -2.74 8.86 6.13
N ALA A 77 -2.76 7.75 5.39
CA ALA A 77 -3.49 6.55 5.78
C ALA A 77 -2.50 5.60 6.42
N THR A 78 -2.82 5.14 7.62
CA THR A 78 -1.95 4.21 8.33
C THR A 78 -2.72 3.52 9.44
N GLU A 79 -2.30 2.29 9.76
CA GLU A 79 -2.72 1.63 10.97
C GLU A 79 -1.47 1.29 11.81
N SER A 80 -0.37 1.98 11.49
CA SER A 80 0.91 1.78 12.16
C SER A 80 1.42 3.13 12.72
N ALA A 81 0.52 3.90 13.32
CA ALA A 81 0.86 5.26 13.74
C ALA A 81 1.94 5.23 14.83
N VAL A 82 2.77 6.27 14.85
CA VAL A 82 3.78 6.38 15.89
C VAL A 82 3.32 7.34 17.02
N ASP A 83 2.20 8.01 16.79
CA ASP A 83 1.64 8.92 17.78
C ASP A 83 0.13 8.73 17.87
N ALA A 84 -0.43 8.81 19.07
CA ALA A 84 -1.88 8.71 19.25
C ALA A 84 -2.61 10.03 18.94
N ALA A 85 -1.87 11.12 18.87
CA ALA A 85 -2.46 12.44 18.66
C ALA A 85 -1.95 13.15 17.41
N LYS A 86 -0.62 13.29 17.32
CA LYS A 86 -0.01 14.06 16.23
C LYS A 86 -0.01 13.24 14.93
N ALA A 87 -0.71 13.76 13.92
CA ALA A 87 -0.80 13.10 12.63
C ALA A 87 0.59 13.07 11.97
N ALA A 88 1.00 11.91 11.47
CA ALA A 88 2.23 11.78 10.69
C ALA A 88 2.25 12.70 9.46
N ALA A 89 1.05 13.08 8.98
CA ALA A 89 0.92 14.01 7.87
C ALA A 89 1.60 15.35 8.15
N VAL A 90 1.58 15.78 9.41
CA VAL A 90 2.21 17.05 9.80
C VAL A 90 3.72 16.95 9.62
N GLN A 91 4.31 15.85 10.11
CA GLN A 91 5.75 15.63 9.98
C GLN A 91 6.17 15.56 8.51
N ILE A 92 5.44 14.78 7.72
CA ILE A 92 5.74 14.66 6.28
C ILE A 92 5.60 15.98 5.52
N HIS A 93 4.59 16.75 5.88
CA HIS A 93 4.34 18.05 5.25
C HIS A 93 5.57 18.95 5.47
N ASN A 94 6.10 18.92 6.69
CA ASN A 94 7.32 19.66 7.03
C ASN A 94 8.51 19.16 6.22
N LEU A 95 8.76 17.85 6.26
CA LEU A 95 9.90 17.25 5.55
C LEU A 95 9.89 17.62 4.08
N LEU A 96 8.69 17.64 3.50
CA LEU A 96 8.55 17.88 2.07
C LEU A 96 8.50 19.36 1.66
N GLY A 97 8.46 20.27 2.64
CA GLY A 97 8.47 21.70 2.35
C GLY A 97 7.23 22.15 1.62
N ILE A 98 6.10 21.46 1.84
CA ILE A 98 4.82 21.89 1.27
C ILE A 98 4.35 23.23 1.88
N GLN A 99 3.68 24.06 1.07
CA GLN A 99 3.16 25.38 1.51
C GLN A 99 2.26 25.21 2.77
N PRO A 100 2.30 26.18 3.68
CA PRO A 100 1.74 25.97 5.03
C PRO A 100 0.22 25.97 5.13
N PHE A 101 -0.49 26.54 4.17
CA PHE A 101 -1.94 26.60 4.26
C PHE A 101 -2.59 25.32 3.74
N ALA A 102 -2.36 24.23 4.46
CA ALA A 102 -2.84 22.90 4.08
C ALA A 102 -3.37 22.16 5.31
N ARG A 103 -4.43 21.37 5.12
CA ARG A 103 -4.86 20.43 6.14
C ARG A 103 -3.90 19.23 6.17
N CYS A 104 -3.51 18.83 7.37
CA CYS A 104 -2.71 17.63 7.54
C CYS A 104 -3.36 16.74 8.58
N PHE A 105 -3.68 15.50 8.23
CA PHE A 105 -4.29 14.60 9.20
C PHE A 105 -4.15 13.15 8.75
N GLU A 106 -4.40 12.20 9.65
CA GLU A 106 -4.44 10.78 9.30
C GLU A 106 -5.87 10.31 9.13
N MET A 107 -6.05 9.29 8.29
CA MET A 107 -7.28 8.52 8.27
C MET A 107 -6.93 7.13 8.75
N LYS A 108 -7.85 6.55 9.52
CA LYS A 108 -7.58 5.24 10.06
C LYS A 108 -8.81 4.35 9.92
N GLU A 109 -8.59 3.20 9.26
CA GLU A 109 -9.52 2.06 9.26
C GLU A 109 -8.74 0.91 8.61
N ALA A 110 -7.96 0.24 9.45
CA ALA A 110 -7.05 -0.82 9.01
C ALA A 110 -6.42 -0.55 7.64
N TYR A 112 -7.87 -0.05 4.72
CA TYR A 112 -8.85 0.58 3.83
C TYR A 112 -8.57 2.06 3.61
N ALA A 113 -7.88 2.71 4.55
CA ALA A 113 -7.93 4.16 4.70
C ALA A 113 -7.36 5.02 3.58
N ALA A 114 -6.48 4.49 2.74
CA ALA A 114 -6.03 5.31 1.61
C ALA A 114 -7.16 5.55 0.61
N THR A 115 -8.20 4.71 0.65
CA THR A 115 -9.31 4.82 -0.29
C THR A 115 -10.21 6.05 -0.03
N PRO A 116 -10.75 6.22 1.20
CA PRO A 116 -11.50 7.44 1.51
C PRO A 116 -10.62 8.66 1.31
N ALA A 117 -9.31 8.55 1.56
CA ALA A 117 -8.38 9.67 1.35
C ALA A 117 -8.40 10.13 -0.12
N ILE A 118 -8.22 9.23 -1.08
CA ILE A 118 -8.19 9.71 -2.46
C ILE A 118 -9.59 10.12 -2.95
N GLN A 119 -10.60 9.39 -2.47
CA GLN A 119 -11.97 9.64 -2.95
C GLN A 119 -12.45 10.98 -2.42
N LEU A 120 -12.23 11.24 -1.13
CA LEU A 120 -12.58 12.57 -0.57
C LEU A 120 -11.63 13.70 -1.06
N ALA A 121 -10.36 13.37 -1.34
CA ALA A 121 -9.46 14.32 -1.98
C ALA A 121 -10.09 14.80 -3.29
N LYS A 122 -10.67 13.87 -4.03
CA LYS A 122 -11.32 14.19 -5.32
C LYS A 122 -12.54 15.10 -5.12
N ASP A 123 -13.35 14.81 -4.11
CA ASP A 123 -14.54 15.65 -3.83
C ASP A 123 -14.09 17.05 -3.40
N TYR A 124 -13.04 17.09 -2.58
CA TYR A 124 -12.45 18.35 -2.13
C TYR A 124 -12.03 19.23 -3.33
N LEU A 125 -11.41 18.60 -4.33
CA LEU A 125 -10.91 19.31 -5.52
C LEU A 125 -11.99 19.83 -6.50
N ALA A 126 -13.19 19.26 -6.44
CA ALA A 126 -14.23 19.66 -7.42
C ALA A 126 -14.36 21.18 -7.60
N THR A 127 -14.28 21.94 -6.51
CA THR A 127 -14.45 23.40 -6.61
C THR A 127 -13.14 24.17 -6.49
N ARG A 128 -12.02 23.46 -6.54
CA ARG A 128 -10.71 24.09 -6.36
C ARG A 128 -9.78 23.70 -7.52
N PRO A 129 -9.97 24.38 -8.65
CA PRO A 129 -9.30 24.01 -9.91
C PRO A 129 -7.77 24.05 -9.88
N ASN A 130 -7.18 24.85 -9.01
CA ASN A 130 -5.71 24.99 -9.01
C ASN A 130 -5.01 24.26 -7.87
N GLU A 131 -5.72 23.38 -7.18
CA GLU A 131 -5.14 22.68 -6.06
C GLU A 131 -4.90 21.23 -6.38
N LYS A 132 -4.05 20.60 -5.57
CA LYS A 132 -3.79 19.17 -5.65
C LYS A 132 -3.88 18.62 -4.24
N VAL A 133 -3.96 17.29 -4.12
CA VAL A 133 -3.92 16.66 -2.79
C VAL A 133 -2.89 15.55 -2.77
N LEU A 134 -2.12 15.46 -1.69
CA LEU A 134 -1.15 14.41 -1.54
C LEU A 134 -1.70 13.40 -0.56
N VAL A 135 -1.81 12.15 -0.99
CA VAL A 135 -2.26 11.06 -0.15
C VAL A 135 -1.09 10.08 -0.03
N ILE A 136 -0.79 9.70 1.20
CA ILE A 136 0.28 8.73 1.45
C ILE A 136 -0.23 7.58 2.31
N ALA A 137 -0.15 6.38 1.77
CA ALA A 137 -0.40 5.17 2.53
C ALA A 137 0.97 4.71 3.05
N THR A 138 1.09 4.46 4.35
CA THR A 138 2.38 4.05 4.92
C THR A 138 2.15 3.12 6.13
N ASP A 139 2.86 2.00 6.20
CA ASP A 139 2.54 0.98 7.19
C ASP A 139 3.64 -0.04 7.34
N THR A 140 3.66 -0.68 8.50
CA THR A 140 4.52 -1.84 8.74
C THR A 140 3.63 -2.97 9.24
N ALA A 141 3.45 -3.99 8.42
CA ALA A 141 2.67 -5.16 8.82
C ALA A 141 3.57 -6.10 9.60
N ARG A 142 3.39 -6.11 10.91
CA ARG A 142 4.27 -6.80 11.83
C ARG A 142 3.40 -7.68 12.71
N TYR A 143 3.55 -8.99 12.58
CA TYR A 143 2.72 -9.93 13.33
C TYR A 143 3.45 -10.60 14.50
N GLY A 144 4.79 -10.62 14.45
CA GLY A 144 5.60 -11.22 15.48
C GLY A 144 6.39 -12.43 14.99
N LEU A 145 7.59 -12.60 15.52
CA LEU A 145 8.41 -13.77 15.22
C LEU A 145 7.68 -15.04 15.67
N ASN A 146 7.63 -16.03 14.79
CA ASN A 146 6.92 -17.30 15.06
C ASN A 146 5.41 -17.20 15.19
N SER A 147 4.82 -16.12 14.70
CA SER A 147 3.36 -15.98 14.76
C SER A 147 2.76 -16.55 13.49
N GLY A 148 1.45 -16.84 13.53
CA GLY A 148 0.71 -17.23 12.34
C GLY A 148 0.83 -16.24 11.17
N GLY A 149 0.76 -14.95 11.45
CA GLY A 149 0.79 -13.93 10.41
C GLY A 149 2.17 -13.63 9.85
N GLU A 150 3.21 -14.08 10.54
CA GLU A 150 4.60 -13.76 10.16
C GLU A 150 4.93 -13.77 8.65
N PRO A 151 4.63 -14.88 7.96
CA PRO A 151 5.03 -14.97 6.55
C PRO A 151 4.39 -13.89 5.65
N THR A 152 3.38 -13.19 6.15
CA THR A 152 2.64 -12.19 5.35
C THR A 152 3.17 -10.76 5.59
N GLN A 153 4.15 -10.62 6.48
CA GLN A 153 4.64 -9.30 6.89
C GLN A 153 5.23 -8.52 5.71
N GLY A 154 5.27 -7.19 5.84
CA GLY A 154 5.85 -6.32 4.83
C GLY A 154 5.98 -4.92 5.42
N ALA A 155 6.58 -4.00 4.68
CA ALA A 155 6.61 -2.59 5.06
C ALA A 155 6.87 -1.76 3.82
N GLY A 156 6.25 -0.59 3.76
CA GLY A 156 6.42 0.31 2.65
C GLY A 156 5.39 1.41 2.68
N ALA A 157 5.47 2.30 1.68
CA ALA A 157 4.56 3.41 1.57
C ALA A 157 4.27 3.66 0.09
N VAL A 158 3.08 4.19 -0.19
CA VAL A 158 2.70 4.51 -1.56
C VAL A 158 2.16 5.92 -1.49
N ALA A 159 2.67 6.78 -2.37
CA ALA A 159 2.22 8.16 -2.46
C ALA A 159 1.46 8.39 -3.76
N MET A 160 0.40 9.17 -3.69
CA MET A 160 -0.40 9.50 -4.86
C MET A 160 -0.69 10.98 -4.84
N VAL A 161 -0.56 11.60 -6.01
CA VAL A 161 -1.00 12.98 -6.14
C VAL A 161 -2.35 12.97 -6.86
N ILE A 162 -3.37 13.55 -6.20
CA ILE A 162 -4.72 13.67 -6.79
C ILE A 162 -4.85 15.09 -7.34
N ALA A 163 -5.32 15.20 -8.58
CA ALA A 163 -5.28 16.46 -9.31
C ALA A 163 -6.39 16.45 -10.37
N HIS A 164 -6.70 17.63 -10.86
CA HIS A 164 -7.54 17.79 -12.04
C HIS A 164 -6.76 17.32 -13.26
N ASN A 165 -7.48 16.94 -14.31
CA ASN A 165 -6.81 16.45 -15.54
C ASN A 165 -5.70 15.44 -15.26
N PRO A 166 -5.99 14.37 -14.49
CA PRO A 166 -4.94 13.46 -14.06
C PRO A 166 -4.28 12.80 -15.25
N SER A 167 -2.96 12.59 -15.14
CA SER A 167 -2.18 12.01 -16.22
C SER A 167 -2.24 10.49 -16.27
N ILE A 168 -2.70 9.84 -15.21
CA ILE A 168 -2.69 8.37 -15.15
C ILE A 168 -4.10 7.74 -15.13
N LEU A 169 -4.89 8.03 -14.10
CA LEU A 169 -6.21 7.41 -13.95
C LEU A 169 -7.25 8.43 -13.50
N ALA A 170 -8.35 8.50 -14.23
CA ALA A 170 -9.51 9.30 -13.89
C ALA A 170 -10.38 8.45 -12.96
N LEU A 171 -10.71 8.95 -11.77
CA LEU A 171 -11.57 8.21 -10.85
C LEU A 171 -13.00 8.45 -11.28
N ASN A 172 -13.77 7.37 -11.41
CA ASN A 172 -15.17 7.47 -11.89
C ASN A 172 -16.16 7.67 -10.74
N GLU A 173 -17.41 7.98 -11.08
CA GLU A 173 -18.37 8.44 -10.06
C GLU A 173 -19.17 7.27 -9.57
N ASP A 174 -18.49 6.24 -9.08
CA ASP A 174 -19.16 4.98 -8.88
C ASP A 174 -18.74 4.18 -7.63
N ALA A 175 -18.13 4.85 -6.67
CA ALA A 175 -17.64 4.17 -5.45
C ALA A 175 -18.82 3.76 -4.57
N VAL A 176 -18.76 2.54 -4.05
CA VAL A 176 -19.71 2.11 -3.03
C VAL A 176 -18.96 1.31 -1.94
N ALA A 177 -19.18 1.68 -0.69
CA ALA A 177 -18.56 1.01 0.44
C ALA A 177 -19.55 0.10 1.17
N TYR A 178 -19.01 -0.79 1.99
CA TYR A 178 -19.81 -1.78 2.70
C TYR A 178 -19.12 -2.05 4.02
N THR A 179 -19.81 -1.74 5.11
CA THR A 179 -19.30 -1.93 6.46
C THR A 179 -20.08 -3.03 7.18
N GLU A 180 -19.32 -3.92 7.83
CA GLU A 180 -19.86 -4.96 8.72
C GLU A 180 -18.88 -5.02 9.91
N ASP A 181 -19.40 -5.03 11.12
CA ASP A 181 -18.60 -5.08 12.34
C ASP A 181 -18.19 -6.53 12.61
N VAL A 182 -16.94 -6.87 12.26
CA VAL A 182 -16.46 -8.25 12.39
C VAL A 182 -15.09 -8.25 13.09
N TYR A 183 -14.74 -9.32 13.81
CA TYR A 183 -13.41 -9.37 14.42
C TYR A 183 -12.48 -10.37 13.73
N ASP A 184 -12.13 -10.05 12.48
CA ASP A 184 -11.13 -10.82 11.75
C ASP A 184 -9.71 -10.44 12.16
N PHE A 185 -9.48 -9.15 12.38
CA PHE A 185 -8.14 -8.64 12.64
C PHE A 185 -8.34 -7.30 13.33
N TRP A 186 -7.66 -7.09 14.45
CA TRP A 186 -7.72 -5.81 15.13
C TRP A 186 -6.50 -5.70 16.04
N ARG A 187 -6.27 -4.52 16.61
CA ARG A 187 -5.08 -4.34 17.43
C ARG A 187 -5.34 -3.31 18.53
N PRO A 188 -5.89 -3.77 19.65
CA PRO A 188 -6.22 -2.86 20.76
C PRO A 188 -5.00 -2.11 21.27
N THR A 189 -5.26 -0.95 21.87
CA THR A 189 -4.18 -0.17 22.52
C THR A 189 -3.32 -1.05 23.42
N GLY A 190 -2.01 -0.83 23.36
CA GLY A 190 -1.08 -1.62 24.16
C GLY A 190 -0.65 -2.90 23.47
N HIS A 191 -1.30 -3.26 22.36
CA HIS A 191 -0.88 -4.46 21.62
C HIS A 191 0.10 -4.12 20.52
N LYS A 192 1.30 -4.68 20.66
CA LYS A 192 2.38 -4.60 19.68
C LYS A 192 1.97 -5.15 18.33
N TYR A 193 1.33 -6.32 18.33
CA TYR A 193 0.96 -7.03 17.11
C TYR A 193 -0.56 -7.24 17.03
N PRO A 194 -1.09 -7.44 15.83
CA PRO A 194 -2.53 -7.64 15.65
C PRO A 194 -3.03 -8.94 16.28
N LEU A 195 -4.30 -8.89 16.66
CA LEU A 195 -5.04 -10.07 17.02
C LEU A 195 -5.74 -10.56 15.76
N VAL A 196 -5.69 -11.86 15.53
CA VAL A 196 -6.17 -12.43 14.29
C VAL A 196 -7.06 -13.64 14.62
N ASP A 197 -8.27 -13.62 14.11
CA ASP A 197 -9.13 -14.79 14.21
C ASP A 197 -9.01 -15.56 12.89
N GLY A 198 -8.20 -16.61 12.92
CA GLY A 198 -7.96 -17.44 11.75
C GLY A 198 -9.23 -18.09 11.18
N ALA A 199 -10.23 -18.34 12.02
CA ALA A 199 -11.50 -18.89 11.52
C ALA A 199 -12.30 -17.89 10.64
N LEU A 200 -11.99 -16.60 10.77
CA LEU A 200 -12.70 -15.51 10.08
C LEU A 200 -11.94 -14.78 8.96
N SER A 201 -10.60 -14.85 8.95
CA SER A 201 -9.77 -14.07 8.02
C SER A 201 -10.25 -14.15 6.58
N LYS A 202 -10.34 -15.38 6.07
CA LYS A 202 -10.65 -15.64 4.66
C LYS A 202 -12.07 -15.16 4.35
N ASP A 203 -13.04 -15.64 5.14
CA ASP A 203 -14.45 -15.34 4.91
C ASP A 203 -14.77 -13.85 4.99
N ALA A 204 -14.22 -13.15 5.98
CA ALA A 204 -14.52 -11.73 6.18
C ALA A 204 -14.08 -10.90 4.96
N TYR A 205 -12.87 -11.21 4.48
CA TYR A 205 -12.26 -10.56 3.33
C TYR A 205 -13.02 -10.84 2.04
N ILE A 206 -13.33 -12.10 1.79
CA ILE A 206 -14.02 -12.43 0.55
C ILE A 206 -15.47 -11.94 0.58
N ARG A 207 -16.11 -12.01 1.75
CA ARG A 207 -17.50 -11.56 1.85
C ARG A 207 -17.61 -10.05 1.58
N SER A 208 -16.66 -9.28 2.11
CA SER A 208 -16.64 -7.83 1.88
C SER A 208 -16.49 -7.54 0.41
N PHE A 209 -15.62 -8.29 -0.27
CA PHE A 209 -15.37 -8.10 -1.71
C PHE A 209 -16.70 -8.39 -2.45
N GLN A 210 -17.30 -9.53 -2.13
CA GLN A 210 -18.50 -9.99 -2.79
C GLN A 210 -19.67 -9.02 -2.60
N GLN A 211 -19.87 -8.57 -1.35
CA GLN A 211 -20.99 -7.67 -1.05
C GLN A 211 -20.80 -6.26 -1.67
N SER A 212 -19.55 -5.78 -1.67
CA SER A 212 -19.21 -4.48 -2.28
C SER A 212 -19.41 -4.58 -3.79
N TRP A 213 -18.85 -5.62 -4.39
CA TRP A 213 -19.00 -5.85 -5.84
C TRP A 213 -20.48 -6.02 -6.27
N ASN A 214 -21.23 -6.84 -5.52
CA ASN A 214 -22.65 -7.06 -5.82
C ASN A 214 -23.43 -5.75 -5.88
N GLU A 215 -23.19 -4.88 -4.90
CA GLU A 215 -23.93 -3.64 -4.84
C GLU A 215 -23.47 -2.70 -5.95
N TYR A 216 -22.16 -2.66 -6.18
CA TYR A 216 -21.60 -1.86 -7.29
C TYR A 216 -22.30 -2.26 -8.59
N ALA A 217 -22.25 -3.57 -8.88
CA ALA A 217 -22.81 -4.09 -10.13
C ALA A 217 -24.27 -3.69 -10.29
N LYS A 218 -25.00 -3.70 -9.18
CA LYS A 218 -26.42 -3.35 -9.16
C LYS A 218 -26.59 -1.86 -9.47
N ARG A 219 -25.83 -1.02 -8.77
CA ARG A 219 -25.96 0.43 -8.92
C ARG A 219 -25.56 0.89 -10.30
N GLN A 220 -24.52 0.29 -10.84
CA GLN A 220 -23.94 0.73 -12.11
C GLN A 220 -24.46 0.02 -13.37
N GLY A 221 -25.11 -1.14 -13.23
CA GLY A 221 -25.48 -1.93 -14.39
C GLY A 221 -24.23 -2.27 -15.19
N LYS A 222 -23.20 -2.75 -14.49
CA LYS A 222 -21.95 -3.18 -15.10
C LYS A 222 -21.63 -4.58 -14.60
N SER A 223 -20.74 -5.29 -15.33
CA SER A 223 -20.42 -6.64 -14.92
C SER A 223 -18.92 -6.83 -14.96
N LEU A 224 -18.44 -7.95 -14.41
CA LEU A 224 -17.00 -8.24 -14.46
C LEU A 224 -16.46 -8.16 -15.87
N ALA A 225 -17.25 -8.58 -16.86
CA ALA A 225 -16.84 -8.54 -18.27
C ALA A 225 -16.43 -7.16 -18.76
N ASP A 226 -16.88 -6.12 -18.08
CA ASP A 226 -16.62 -4.76 -18.55
C ASP A 226 -15.25 -4.20 -18.18
N PHE A 227 -14.52 -4.91 -17.33
CA PHE A 227 -13.26 -4.39 -16.80
C PHE A 227 -12.09 -5.04 -17.49
N ALA A 228 -11.14 -4.21 -17.90
CA ALA A 228 -9.88 -4.70 -18.49
C ALA A 228 -9.11 -5.53 -17.46
N SER A 229 -9.23 -5.17 -16.20
CA SER A 229 -8.61 -5.93 -15.12
C SER A 229 -9.22 -5.47 -13.81
N LEU A 230 -9.06 -6.25 -12.76
CA LEU A 230 -9.33 -5.76 -11.41
C LEU A 230 -8.01 -5.39 -10.75
N CYS A 231 -8.10 -4.71 -9.63
CA CYS A 231 -6.93 -4.47 -8.82
C CYS A 231 -7.47 -4.36 -7.42
N PHE A 232 -7.07 -5.26 -6.53
CA PHE A 232 -7.68 -5.28 -5.22
C PHE A 232 -6.67 -5.55 -4.11
N HIS A 233 -7.00 -5.07 -2.92
CA HIS A 233 -6.25 -5.43 -1.73
C HIS A 233 -6.07 -6.95 -1.59
N VAL A 234 -4.84 -7.33 -1.25
CA VAL A 234 -4.46 -8.70 -1.00
C VAL A 234 -3.58 -8.71 0.25
N PRO A 235 -3.80 -9.61 1.23
CA PRO A 235 -2.86 -9.75 2.36
C PRO A 235 -1.66 -10.65 2.03
N PHE A 236 -1.85 -11.57 1.09
CA PHE A 236 -0.78 -12.37 0.48
C PHE A 236 -1.35 -12.90 -0.84
N THR A 237 -0.49 -13.24 -1.81
CA THR A 237 -0.98 -13.47 -3.17
C THR A 237 -1.95 -14.64 -3.28
N LYS A 238 -1.75 -15.68 -2.48
CA LYS A 238 -2.66 -16.84 -2.51
C LYS A 238 -4.05 -16.47 -2.00
N MET A 239 -4.12 -15.69 -0.93
CA MET A 239 -5.44 -15.30 -0.43
C MET A 239 -6.16 -14.44 -1.45
N GLY A 240 -5.42 -13.53 -2.11
CA GLY A 240 -6.00 -12.73 -3.18
C GLY A 240 -6.48 -13.58 -4.36
N LYS A 241 -5.73 -14.65 -4.64
CA LYS A 241 -6.13 -15.58 -5.70
C LYS A 241 -7.44 -16.30 -5.36
N LYS A 242 -7.59 -16.70 -4.10
CA LYS A 242 -8.83 -17.34 -3.66
C LYS A 242 -10.02 -16.36 -3.73
N ALA A 243 -9.81 -15.12 -3.31
CA ALA A 243 -10.84 -14.08 -3.48
C ALA A 243 -11.18 -13.91 -4.96
N LEU A 244 -10.18 -13.74 -5.83
CA LEU A 244 -10.45 -13.59 -7.27
C LEU A 244 -11.32 -14.73 -7.83
N GLU A 245 -10.94 -15.97 -7.52
CA GLU A 245 -11.63 -17.13 -8.08
C GLU A 245 -13.07 -17.18 -7.57
N SER A 246 -13.29 -16.80 -6.32
CA SER A 246 -14.64 -16.72 -5.75
C SER A 246 -15.51 -15.66 -6.47
N ILE A 247 -14.93 -14.47 -6.67
CA ILE A 247 -15.65 -13.38 -7.36
C ILE A 247 -15.95 -13.73 -8.82
N ILE A 248 -15.01 -14.36 -9.51
CA ILE A 248 -15.17 -14.60 -10.95
C ILE A 248 -15.77 -15.98 -11.28
N ASP A 249 -16.22 -16.69 -10.26
CA ASP A 249 -16.56 -18.09 -10.43
C ASP A 249 -17.81 -18.38 -11.28
N ASN A 250 -18.61 -17.34 -11.51
CA ASN A 250 -19.80 -17.46 -12.36
C ASN A 250 -19.66 -16.69 -13.67
N ALA A 251 -18.43 -16.23 -13.97
CA ALA A 251 -18.19 -15.41 -15.18
C ALA A 251 -17.80 -16.26 -16.38
N ASP A 252 -17.86 -15.66 -17.56
CA ASP A 252 -17.52 -16.35 -18.80
C ASP A 252 -15.99 -16.57 -18.88
N GLU A 253 -15.58 -17.57 -19.66
CA GLU A 253 -14.17 -17.94 -19.83
C GLU A 253 -13.26 -16.78 -20.26
N THR A 254 -13.72 -15.96 -21.20
CA THR A 254 -12.90 -14.85 -21.68
C THR A 254 -12.61 -13.86 -20.55
N THR A 255 -13.66 -13.45 -19.82
CA THR A 255 -13.51 -12.61 -18.65
C THR A 255 -12.59 -13.24 -17.62
N GLN A 256 -12.83 -14.51 -17.32
CA GLN A 256 -12.07 -15.21 -16.30
C GLN A 256 -10.60 -15.19 -16.64
N GLU A 257 -10.25 -15.53 -17.89
CA GLU A 257 -8.85 -15.57 -18.32
C GLU A 257 -8.18 -14.20 -18.26
N ARG A 258 -8.89 -13.18 -18.70
CA ARG A 258 -8.35 -11.82 -18.65
C ARG A 258 -8.04 -11.36 -17.22
N LEU A 259 -9.00 -11.58 -16.31
CA LEU A 259 -8.90 -11.10 -14.95
C LEU A 259 -7.83 -11.86 -14.17
N ARG A 260 -7.70 -13.16 -14.48
CA ARG A 260 -6.60 -13.98 -13.97
C ARG A 260 -5.24 -13.45 -14.41
N SER A 261 -5.12 -13.17 -15.71
CA SER A 261 -3.91 -12.54 -16.28
C SER A 261 -3.60 -11.19 -15.60
N GLY A 262 -4.62 -10.34 -15.47
CA GLY A 262 -4.49 -9.05 -14.79
C GLY A 262 -3.98 -9.20 -13.36
N TYR A 263 -4.53 -10.19 -12.65
CA TYR A 263 -4.16 -10.42 -11.26
C TYR A 263 -2.69 -10.75 -11.11
N GLU A 264 -2.18 -11.58 -12.02
CA GLU A 264 -0.76 -11.93 -11.97
C GLU A 264 0.11 -10.69 -12.17
N ASP A 265 -0.30 -9.80 -13.07
CA ASP A 265 0.42 -8.52 -13.23
C ASP A 265 0.28 -7.65 -11.97
N ALA A 266 -0.91 -7.66 -11.37
CA ALA A 266 -1.19 -6.76 -10.25
C ALA A 266 -0.41 -7.12 -8.97
N VAL A 267 -0.16 -8.41 -8.76
CA VAL A 267 0.40 -8.87 -7.50
C VAL A 267 1.92 -9.14 -7.57
N ASP A 268 2.50 -8.92 -8.75
CA ASP A 268 3.93 -9.10 -9.00
C ASP A 268 4.82 -8.35 -7.97
N TYR A 269 4.63 -7.03 -7.83
CA TYR A 269 5.50 -6.31 -6.87
C TYR A 269 5.25 -6.79 -5.43
N ASN A 270 3.98 -7.01 -5.09
CA ASN A 270 3.61 -7.45 -3.74
C ASN A 270 4.30 -8.75 -3.34
N ARG A 271 4.53 -9.62 -4.33
CA ARG A 271 5.24 -10.89 -4.11
C ARG A 271 6.63 -10.74 -3.49
N TYR A 272 7.29 -9.60 -3.74
CA TYR A 272 8.66 -9.34 -3.27
C TYR A 272 8.75 -8.30 -2.16
N VAL A 273 7.60 -7.98 -1.56
CA VAL A 273 7.51 -6.97 -0.51
C VAL A 273 6.77 -7.54 0.71
N GLY A 274 5.58 -8.10 0.46
CA GLY A 274 4.70 -8.50 1.55
C GLY A 274 3.58 -7.49 1.77
N ASN A 275 2.76 -7.72 2.79
CA ASN A 275 1.58 -6.89 3.06
C ASN A 275 2.01 -5.52 3.58
N ILE A 276 1.55 -4.44 2.96
CA ILE A 276 1.82 -3.11 3.51
C ILE A 276 0.54 -2.36 3.91
N TYR A 277 -0.48 -3.15 4.24
CA TYR A 277 -1.75 -2.70 4.78
C TYR A 277 -2.40 -1.65 3.84
N THR A 278 -2.46 -0.37 4.25
CA THR A 278 -3.17 0.65 3.44
C THR A 278 -2.56 0.79 2.06
N GLY A 279 -1.28 0.51 1.93
CA GLY A 279 -0.64 0.60 0.63
C GLY A 279 -0.72 -0.61 -0.28
N SER A 280 -1.18 -1.75 0.22
CA SER A 280 -1.13 -2.97 -0.60
C SER A 280 -1.88 -2.83 -1.92
N LEU A 281 -3.11 -2.34 -1.86
CA LEU A 281 -3.90 -2.15 -3.06
C LEU A 281 -3.15 -1.25 -4.05
N TYR A 282 -2.58 -0.17 -3.50
CA TYR A 282 -1.99 0.88 -4.34
C TYR A 282 -0.61 0.50 -4.88
N LEU A 283 0.10 -0.35 -4.14
CA LEU A 283 1.30 -1.00 -4.70
C LEU A 283 0.92 -1.93 -5.87
N SER A 284 -0.12 -2.74 -5.68
CA SER A 284 -0.64 -3.58 -6.77
C SER A 284 -1.04 -2.77 -8.00
N LEU A 285 -1.64 -1.60 -7.77
CA LEU A 285 -1.99 -0.70 -8.87
C LEU A 285 -0.76 -0.27 -9.71
N ILE A 286 0.32 0.14 -9.05
CA ILE A 286 1.59 0.41 -9.73
C ILE A 286 2.07 -0.82 -10.51
N SER A 287 2.07 -1.96 -9.83
CA SER A 287 2.51 -3.21 -10.43
C SER A 287 1.68 -3.53 -11.68
N LEU A 288 0.36 -3.39 -11.55
CA LEU A 288 -0.55 -3.59 -12.67
C LEU A 288 -0.29 -2.63 -13.83
N LEU A 289 -0.18 -1.35 -13.53
CA LEU A 289 -0.02 -0.32 -14.54
C LEU A 289 1.32 -0.48 -15.28
N GLU A 290 2.33 -0.97 -14.57
CA GLU A 290 3.66 -1.12 -15.16
C GLU A 290 3.88 -2.46 -15.88
N ASN A 291 3.37 -3.55 -15.31
CA ASN A 291 3.51 -4.88 -15.91
C ASN A 291 2.57 -5.17 -17.09
N ARG A 292 1.35 -4.62 -17.04
CA ARG A 292 0.37 -4.85 -18.08
C ARG A 292 0.37 -3.70 -19.09
N ASP A 293 -0.03 -3.99 -20.32
CA ASP A 293 -0.06 -2.94 -21.32
C ASP A 293 -1.50 -2.50 -21.61
N LEU A 294 -2.20 -2.08 -20.57
CA LEU A 294 -3.59 -1.64 -20.68
C LEU A 294 -3.63 -0.40 -21.53
N GLN A 295 -4.74 -0.19 -22.25
CA GLN A 295 -4.81 0.92 -23.20
C GLN A 295 -5.60 2.06 -22.59
N ALA A 296 -5.30 3.29 -23.04
CA ALA A 296 -6.11 4.47 -22.75
C ALA A 296 -7.57 4.15 -22.97
N GLY A 297 -8.45 4.59 -22.07
CA GLY A 297 -9.89 4.39 -22.20
C GLY A 297 -10.42 3.08 -21.63
N GLU A 298 -9.54 2.15 -21.30
CA GLU A 298 -9.94 0.93 -20.58
C GLU A 298 -10.11 1.23 -19.09
N THR A 299 -10.91 0.41 -18.41
CA THR A 299 -11.32 0.71 -17.05
C THR A 299 -10.90 -0.43 -16.15
N ILE A 300 -10.36 -0.04 -15.00
CA ILE A 300 -9.95 -0.99 -13.97
C ILE A 300 -11.01 -1.01 -12.87
N GLY A 301 -11.32 -2.20 -12.38
CA GLY A 301 -12.23 -2.32 -11.26
C GLY A 301 -11.46 -2.56 -9.99
N LEU A 302 -11.57 -1.64 -9.03
CA LEU A 302 -10.74 -1.72 -7.83
C LEU A 302 -11.57 -2.06 -6.59
N PHE A 303 -10.99 -2.90 -5.72
CA PHE A 303 -11.61 -3.22 -4.44
C PHE A 303 -10.63 -2.98 -3.29
N SER A 304 -11.04 -2.15 -2.35
CA SER A 304 -10.25 -1.86 -1.16
C SER A 304 -10.85 -2.52 0.06
N TYR A 305 -10.01 -3.11 0.92
CA TYR A 305 -10.49 -3.78 2.12
C TYR A 305 -9.79 -3.23 3.32
N GLY A 306 -10.54 -3.13 4.42
CA GLY A 306 -9.95 -2.88 5.73
C GLY A 306 -10.57 -3.87 6.70
N SER A 307 -9.72 -4.57 7.45
CA SER A 307 -10.19 -5.49 8.51
C SER A 307 -11.16 -4.79 9.42
N GLY A 308 -12.12 -5.54 9.95
CA GLY A 308 -12.95 -5.00 11.03
C GLY A 308 -14.44 -4.70 10.86
N SER A 309 -15.01 -4.47 9.66
CA SER A 309 -14.34 -4.43 8.36
C SER A 309 -15.09 -3.45 7.47
N VAL A 310 -14.36 -2.89 6.50
CA VAL A 310 -14.95 -1.96 5.53
C VAL A 310 -14.39 -2.32 4.17
N VAL A 311 -15.26 -2.42 3.17
CA VAL A 311 -14.81 -2.69 1.82
C VAL A 311 -15.33 -1.58 0.92
N GLU A 312 -14.67 -1.36 -0.22
CA GLU A 312 -15.17 -0.37 -1.18
C GLU A 312 -14.81 -0.82 -2.58
N PHE A 313 -15.80 -0.84 -3.47
CA PHE A 313 -15.55 -1.07 -4.88
C PHE A 313 -15.74 0.23 -5.66
N TYR A 314 -14.80 0.53 -6.56
CA TYR A 314 -14.87 1.71 -7.44
C TYR A 314 -14.08 1.45 -8.72
N SER A 315 -14.26 2.30 -9.72
CA SER A 315 -13.52 2.12 -10.95
C SER A 315 -12.72 3.37 -11.30
N ALA A 316 -11.72 3.16 -12.17
CA ALA A 316 -10.89 4.23 -12.65
C ALA A 316 -10.53 3.93 -14.10
N THR A 317 -10.49 4.98 -14.93
CA THR A 317 -10.28 4.82 -16.36
C THR A 317 -8.92 5.36 -16.77
N LEU A 318 -8.20 4.58 -17.59
CA LEU A 318 -6.86 4.98 -18.00
C LEU A 318 -6.90 6.13 -18.99
N VAL A 319 -5.97 7.05 -18.76
CA VAL A 319 -5.84 8.30 -19.50
C VAL A 319 -4.74 8.15 -20.58
N GLU A 320 -4.99 8.70 -21.77
CA GLU A 320 -4.03 8.61 -22.84
C GLU A 320 -2.68 9.21 -22.39
N GLY A 321 -1.60 8.47 -22.66
CA GLY A 321 -0.26 8.89 -22.29
C GLY A 321 0.21 8.44 -20.91
N TYR A 322 -0.64 7.71 -20.17
CA TYR A 322 -0.33 7.33 -18.77
C TYR A 322 1.04 6.65 -18.59
N LYS A 323 1.43 5.80 -19.56
CA LYS A 323 2.72 5.08 -19.49
C LYS A 323 3.89 6.03 -19.30
N ASP A 324 3.74 7.26 -19.79
CA ASP A 324 4.78 8.31 -19.68
C ASP A 324 4.98 8.84 -18.25
N HIS A 325 4.06 8.51 -17.36
CA HIS A 325 4.08 8.98 -15.96
C HIS A 325 4.38 7.90 -14.93
N LEU A 326 4.77 6.73 -15.41
CA LEU A 326 5.18 5.63 -14.55
C LEU A 326 6.69 5.50 -14.65
N ASP A 327 7.30 4.77 -13.72
CA ASP A 327 8.74 4.60 -13.77
C ASP A 327 9.07 3.16 -13.47
N GLN A 328 8.78 2.31 -14.45
CA GLN A 328 8.99 0.89 -14.29
C GLN A 328 10.45 0.62 -13.92
N ALA A 329 11.35 1.33 -14.59
CA ALA A 329 12.80 1.11 -14.43
C ALA A 329 13.22 1.46 -13.01
N ALA A 330 12.82 2.64 -12.53
CA ALA A 330 13.14 3.01 -11.15
C ALA A 330 12.51 2.06 -10.14
N HIS A 331 11.28 1.61 -10.40
CA HIS A 331 10.60 0.71 -9.46
C HIS A 331 11.28 -0.65 -9.45
N LYS A 332 11.64 -1.16 -10.64
CA LYS A 332 12.41 -2.42 -10.72
C LYS A 332 13.75 -2.29 -10.00
N ALA A 333 14.43 -1.16 -10.19
CA ALA A 333 15.70 -0.89 -9.50
C ALA A 333 15.51 -0.81 -7.97
N LEU A 334 14.46 -0.11 -7.53
CA LEU A 334 14.16 -0.02 -6.11
C LEU A 334 14.09 -1.40 -5.47
N LEU A 335 13.41 -2.32 -6.14
CA LEU A 335 13.24 -3.66 -5.62
C LEU A 335 14.54 -4.44 -5.75
N ASN A 336 15.19 -4.32 -6.92
CA ASN A 336 16.36 -5.14 -7.25
C ASN A 336 17.61 -4.71 -6.49
N ASN A 337 17.72 -3.42 -6.18
CA ASN A 337 18.89 -2.87 -5.46
C ASN A 337 18.86 -3.09 -3.94
N ARG A 338 17.86 -3.83 -3.45
CA ARG A 338 17.76 -4.13 -2.02
C ARG A 338 18.80 -5.19 -1.64
N THR A 339 19.11 -5.29 -0.35
CA THR A 339 20.06 -6.28 0.16
C THR A 339 19.36 -7.40 0.92
N GLU A 340 19.67 -8.65 0.56
CA GLU A 340 19.15 -9.79 1.27
C GLU A 340 19.84 -9.87 2.60
N VAL A 341 19.07 -10.23 3.60
CA VAL A 341 19.50 -10.24 4.97
C VAL A 341 19.16 -11.67 5.43
N SER A 342 20.03 -12.27 6.24
CA SER A 342 19.78 -13.62 6.74
C SER A 342 18.57 -13.65 7.69
N VAL A 343 18.06 -14.84 7.98
CA VAL A 343 16.95 -14.94 8.92
C VAL A 343 17.34 -14.41 10.31
N ASP A 344 18.56 -14.72 10.75
CA ASP A 344 19.04 -14.21 12.04
C ASP A 344 19.13 -12.67 12.04
N ALA A 345 19.57 -12.09 10.92
CA ALA A 345 19.63 -10.62 10.85
C ALA A 345 18.22 -10.03 10.89
N TYR A 346 17.31 -10.65 10.15
CA TYR A 346 15.88 -10.28 10.12
C TYR A 346 15.29 -10.22 11.53
N GLU A 347 15.55 -11.27 12.32
CA GLU A 347 15.04 -11.35 13.69
C GLU A 347 15.63 -10.24 14.57
N THR A 348 16.92 -9.98 14.43
CA THR A 348 17.54 -8.86 15.14
C THR A 348 16.94 -7.50 14.72
N PHE A 349 16.78 -7.29 13.43
CA PHE A 349 16.12 -6.08 12.93
C PHE A 349 14.69 -6.01 13.55
N PHE A 350 13.99 -7.15 13.57
CA PHE A 350 12.62 -7.16 14.10
C PHE A 350 12.58 -6.71 15.55
N LYS A 351 13.42 -7.30 16.39
CA LYS A 351 13.47 -6.97 17.82
C LYS A 351 13.87 -5.50 18.01
N ARG A 352 14.84 -5.01 17.24
CA ARG A 352 15.26 -3.60 17.34
C ARG A 352 14.14 -2.61 16.98
N PHE A 353 13.37 -2.95 15.94
CA PHE A 353 12.27 -2.10 15.52
C PHE A 353 11.25 -1.91 16.64
N ASP A 354 10.89 -3.01 17.31
CA ASP A 354 9.97 -3.00 18.44
C ASP A 354 10.39 -1.95 19.47
N ASP A 355 11.70 -1.83 19.64
CA ASP A 355 12.28 -0.97 20.69
C ASP A 355 12.83 0.35 20.15
N VAL A 356 12.67 0.61 18.85
CA VAL A 356 13.31 1.75 18.20
C VAL A 356 14.77 1.89 18.67
N GLU A 357 15.51 0.78 18.60
CA GLU A 357 16.91 0.71 18.99
C GLU A 357 17.82 1.11 17.82
N PHE A 358 18.34 2.32 17.86
CA PHE A 358 19.21 2.78 16.78
C PHE A 358 20.50 1.98 16.68
N ASP A 359 20.94 1.76 15.44
CA ASP A 359 22.20 1.10 15.15
C ASP A 359 22.62 1.49 13.73
N GLU A 360 23.48 2.49 13.65
CA GLU A 360 23.89 3.05 12.37
C GLU A 360 24.65 2.06 11.51
N GLU A 361 25.29 1.07 12.15
CA GLU A 361 25.99 0.02 11.43
C GLU A 361 25.06 -1.03 10.78
N GLN A 362 24.15 -1.60 11.56
CA GLN A 362 23.16 -2.54 10.99
C GLN A 362 22.27 -1.86 9.92
N ASP A 363 21.85 -0.63 10.19
CA ASP A 363 21.01 0.11 9.24
C ASP A 363 21.83 0.77 8.12
N ALA A 364 23.17 0.67 8.21
CA ALA A 364 24.07 1.17 7.17
C ALA A 364 23.69 2.58 6.73
N VAL A 365 23.57 3.52 7.67
CA VAL A 365 22.97 4.82 7.37
C VAL A 365 23.82 5.71 6.45
N HIS A 366 25.13 5.43 6.38
CA HIS A 366 26.05 6.15 5.49
C HIS A 366 25.66 5.91 4.02
N GLU A 367 24.89 4.86 3.76
CA GLU A 367 24.38 4.63 2.41
C GLU A 367 23.14 5.50 2.09
N ASP A 368 22.60 6.16 3.10
CA ASP A 368 21.25 6.76 2.99
C ASP A 368 21.30 8.29 2.87
N ARG A 369 22.41 8.81 2.34
CA ARG A 369 22.61 10.25 2.22
C ARG A 369 21.53 10.95 1.36
N HIS A 370 20.92 10.18 0.46
CA HIS A 370 20.00 10.75 -0.53
C HIS A 370 18.51 10.47 -0.24
N ILE A 371 18.20 9.96 0.95
CA ILE A 371 16.80 9.67 1.33
C ILE A 371 16.52 10.25 2.68
N PHE A 372 15.23 10.32 3.02
CA PHE A 372 14.83 10.62 4.37
C PHE A 372 15.07 9.37 5.19
N TYR A 373 15.49 9.57 6.44
CA TYR A 373 15.50 8.49 7.41
C TYR A 373 15.39 8.99 8.83
N LEU A 374 14.88 8.13 9.71
CA LEU A 374 14.82 8.44 11.14
C LEU A 374 16.23 8.33 11.74
N SER A 375 16.79 9.45 12.17
CA SER A 375 18.19 9.49 12.60
C SER A 375 18.35 9.36 14.11
N ASN A 376 17.33 9.81 14.85
CA ASN A 376 17.35 9.70 16.31
C ASN A 376 16.00 10.06 16.95
N ILE A 377 15.87 9.73 18.24
CA ILE A 377 14.81 10.24 19.11
C ILE A 377 15.46 10.90 20.33
N GLU A 378 15.17 12.17 20.53
CA GLU A 378 15.67 12.89 21.70
C GLU A 378 14.52 13.66 22.31
N ASN A 379 14.38 13.50 23.64
CA ASN A 379 13.28 14.12 24.37
C ASN A 379 11.94 13.72 23.75
N ASN A 380 11.81 12.45 23.34
CA ASN A 380 10.57 11.96 22.74
C ASN A 380 10.16 12.60 21.39
N VAL A 381 11.09 13.32 20.76
CA VAL A 381 10.86 13.89 19.43
C VAL A 381 11.72 13.15 18.41
N ARG A 382 11.05 12.56 17.41
CA ARG A 382 11.78 11.89 16.33
C ARG A 382 12.49 12.92 15.48
N GLU A 383 13.76 12.65 15.17
CA GLU A 383 14.54 13.51 14.29
C GLU A 383 14.85 12.81 12.95
N TYR A 384 14.83 13.58 11.87
CA TYR A 384 15.03 13.04 10.51
C TYR A 384 16.24 13.63 9.74
N HIS A 385 16.99 12.74 9.12
CA HIS A 385 17.94 13.13 8.10
C HIS A 385 17.14 13.36 6.82
N ARG A 386 17.47 14.46 6.12
CA ARG A 386 16.87 14.83 4.82
C ARG A 386 17.89 14.60 3.68
N PRO A 387 17.43 14.28 2.46
CA PRO A 387 18.33 14.05 1.34
C PRO A 387 19.30 15.24 1.23
N GLU A 388 20.56 14.99 0.94
CA GLU A 388 21.47 16.14 0.78
C GLU A 388 21.27 16.82 -0.58
#